data_7RCH
#
_entry.id   7RCH
#
_cell.length_a   61.440
_cell.length_b   92.840
_cell.length_c   67.120
_cell.angle_alpha   90.000
_cell.angle_beta   105.030
_cell.angle_gamma   90.000
#
_symmetry.space_group_name_H-M   'P 1 21 1'
#
loop_
_entity.id
_entity.type
_entity.pdbx_description
1 polymer 'Non-structural protein 1'
2 polymer 'Phosphatidylinositol 3-kinase regulatory subunit beta'
#
loop_
_entity_poly.entity_id
_entity_poly.type
_entity_poly.pdbx_seq_one_letter_code
_entity_poly.pdbx_strand_id
1 'polypeptide(L)'
;ASRYLTDMTLEEMSRDWFMLMPKQKVAGSLCIKMDQAIMDKTIILKANFSVIFDRLETLILLRAFTEEGAIVGEISPLPS
LPGHTGEDVKNAIGVLIGGLEANDNTVRVTETIQRFAWRNSDEDGR
;
A,B
2 'polypeptide(L)'
;GSKEDSVEAVGAQLKVYHQQYQDKSREYDQLYEEYTRTSQELQMKRTAIEAFNETIKIFEEQGQTQEKCSKEYLERFRRE
GNEKEMQRILLNSERLKSRIAEIHESRTKLEQQLRAQASDNREIDKRMNSLKPDLMQLRKIRDQYLVWLTQKGARQKKIN
EWLGI
;
C,D
#
# COMPACT_ATOMS: atom_id res chain seq x y z
N ALA A 1 -7.03 -0.73 -6.66
CA ALA A 1 -6.28 -0.13 -5.57
C ALA A 1 -4.78 -0.40 -5.72
N SER A 2 -3.97 0.50 -5.15
CA SER A 2 -2.51 0.38 -5.15
C SER A 2 -1.94 0.44 -6.56
N ARG A 3 -1.53 1.64 -6.99
CA ARG A 3 -0.89 1.86 -8.29
C ARG A 3 0.33 2.73 -8.09
N TYR A 4 1.07 2.97 -9.17
CA TYR A 4 2.29 3.78 -9.11
C TYR A 4 2.36 4.61 -10.40
N LEU A 5 2.00 5.89 -10.30
CA LEU A 5 1.97 6.77 -11.45
C LEU A 5 3.30 7.51 -11.59
N THR A 6 3.69 7.76 -12.85
CA THR A 6 4.93 8.44 -13.16
C THR A 6 4.69 9.42 -14.30
N ASP A 7 4.66 10.72 -13.97
CA ASP A 7 4.56 11.73 -15.01
C ASP A 7 5.89 12.00 -15.69
N MET A 8 7.00 11.74 -14.99
CA MET A 8 8.33 12.03 -15.48
C MET A 8 9.02 10.77 -16.00
N THR A 9 10.04 10.99 -16.82
CA THR A 9 10.90 9.93 -17.32
C THR A 9 12.18 9.87 -16.50
N LEU A 10 12.94 8.78 -16.70
CA LEU A 10 14.20 8.62 -15.98
C LEU A 10 15.13 9.80 -16.23
N GLU A 11 15.21 10.27 -17.48
CA GLU A 11 16.05 11.41 -17.79
C GLU A 11 15.58 12.66 -17.07
N GLU A 12 14.27 12.87 -17.00
CA GLU A 12 13.74 14.05 -16.32
C GLU A 12 14.03 14.00 -14.82
N MET A 13 13.95 12.82 -14.21
CA MET A 13 14.23 12.70 -12.79
C MET A 13 15.72 12.87 -12.51
N SER A 14 16.57 12.33 -13.37
CA SER A 14 18.01 12.37 -13.17
C SER A 14 18.67 13.63 -13.71
N ARG A 15 17.93 14.48 -14.41
CA ARG A 15 18.52 15.65 -15.04
C ARG A 15 19.00 16.64 -13.99
N ASP A 16 20.16 17.23 -14.26
CA ASP A 16 20.71 18.27 -13.40
C ASP A 16 20.03 19.60 -13.70
N TRP A 17 19.81 20.39 -12.64
CA TRP A 17 19.23 21.72 -12.80
C TRP A 17 19.86 22.66 -11.78
N PHE A 18 19.95 23.93 -12.17
CA PHE A 18 20.66 24.94 -11.39
C PHE A 18 19.69 26.02 -10.93
N MET A 19 19.83 26.42 -9.66
CA MET A 19 19.02 27.49 -9.08
C MET A 19 19.85 28.77 -9.02
N LEU A 20 19.35 29.82 -9.66
CA LEU A 20 20.03 31.11 -9.60
C LEU A 20 19.82 31.79 -8.25
N MET A 21 18.57 31.75 -7.75
CA MET A 21 18.24 32.25 -6.41
C MET A 21 17.61 31.09 -5.65
N PRO A 22 18.42 30.27 -4.99
CA PRO A 22 17.88 29.06 -4.34
C PRO A 22 16.98 29.42 -3.16
N LYS A 23 15.76 28.88 -3.17
CA LYS A 23 14.82 29.02 -2.07
C LYS A 23 14.41 27.61 -1.69
N GLN A 24 15.01 27.10 -0.61
CA GLN A 24 14.79 25.73 -0.15
C GLN A 24 14.06 25.78 1.19
N LYS A 25 12.82 25.29 1.20
CA LYS A 25 12.05 25.16 2.42
C LYS A 25 11.81 23.69 2.72
N VAL A 26 11.31 23.41 3.93
CA VAL A 26 11.12 22.05 4.40
C VAL A 26 9.69 21.93 4.92
N ALA A 27 8.93 21.01 4.33
CA ALA A 27 7.59 20.67 4.78
C ALA A 27 7.61 19.22 5.24
N GLY A 28 7.61 19.01 6.55
CA GLY A 28 7.74 17.66 7.08
C GLY A 28 9.12 17.11 6.77
N SER A 29 9.17 15.89 6.24
CA SER A 29 10.40 15.32 5.73
C SER A 29 10.60 15.59 4.24
N LEU A 30 9.82 16.51 3.68
CA LEU A 30 9.90 16.85 2.27
C LEU A 30 10.68 18.15 2.09
N CYS A 31 11.54 18.17 1.08
CA CYS A 31 12.31 19.36 0.73
C CYS A 31 11.71 19.98 -0.52
N ILE A 32 11.48 21.29 -0.48
CA ILE A 32 10.89 22.04 -1.57
C ILE A 32 11.95 23.04 -2.02
N LYS A 33 12.62 22.73 -3.13
CA LYS A 33 13.58 23.64 -3.74
C LYS A 33 12.88 24.42 -4.85
N MET A 34 13.21 25.71 -4.96
CA MET A 34 12.57 26.54 -5.95
C MET A 34 13.51 27.67 -6.36
N ASP A 35 13.54 27.96 -7.66
CA ASP A 35 14.32 29.09 -8.16
C ASP A 35 13.40 30.30 -8.20
N GLN A 36 13.50 31.15 -7.17
CA GLN A 36 12.70 32.37 -7.15
C GLN A 36 13.18 33.42 -8.14
N ALA A 37 14.23 33.13 -8.91
CA ALA A 37 14.63 33.98 -10.01
C ALA A 37 13.79 33.75 -11.26
N ILE A 38 12.76 32.91 -11.18
CA ILE A 38 11.86 32.65 -12.30
C ILE A 38 10.65 33.56 -12.17
N MET A 39 10.26 34.19 -13.28
CA MET A 39 9.19 35.18 -13.27
C MET A 39 8.51 35.20 -14.63
N ASP A 40 7.21 35.45 -14.60
CA ASP A 40 6.41 35.62 -15.82
C ASP A 40 6.51 34.38 -16.73
N LYS A 41 6.29 33.21 -16.13
CA LYS A 41 6.40 31.95 -16.84
C LYS A 41 5.18 31.08 -16.58
N THR A 42 5.00 30.08 -17.45
CA THR A 42 3.97 29.06 -17.29
C THR A 42 4.65 27.76 -16.93
N ILE A 43 4.39 27.26 -15.72
CA ILE A 43 5.12 26.14 -15.14
C ILE A 43 4.16 24.97 -14.96
N ILE A 44 4.59 23.78 -15.37
CA ILE A 44 3.83 22.55 -15.23
C ILE A 44 4.50 21.69 -14.16
N LEU A 45 3.69 21.10 -13.28
CA LEU A 45 4.18 20.24 -12.22
C LEU A 45 3.98 18.78 -12.62
N LYS A 46 5.08 18.03 -12.72
CA LYS A 46 5.05 16.63 -13.08
C LYS A 46 5.62 15.82 -11.93
N ALA A 47 4.90 14.77 -11.51
CA ALA A 47 5.29 14.02 -10.33
C ALA A 47 5.11 12.53 -10.54
N ASN A 48 6.01 11.76 -9.95
CA ASN A 48 5.91 10.32 -9.80
C ASN A 48 5.60 10.01 -8.35
N PHE A 49 4.54 9.23 -8.13
CA PHE A 49 4.08 8.90 -6.78
C PHE A 49 3.22 7.66 -6.82
N SER A 50 3.17 6.96 -5.70
CA SER A 50 2.32 5.79 -5.55
C SER A 50 1.00 6.16 -4.89
N VAL A 51 -0.07 5.48 -5.30
CA VAL A 51 -1.39 5.72 -4.77
C VAL A 51 -1.93 4.43 -4.18
N ILE A 52 -2.76 4.57 -3.15
CA ILE A 52 -3.46 3.44 -2.55
C ILE A 52 -4.83 3.94 -2.10
N PHE A 53 -5.86 3.11 -2.33
CA PHE A 53 -7.24 3.47 -2.03
C PHE A 53 -7.64 4.76 -2.75
N ASP A 54 -7.10 4.94 -3.96
CA ASP A 54 -7.36 6.13 -4.80
C ASP A 54 -6.97 7.42 -4.09
N ARG A 55 -6.03 7.33 -3.16
CA ARG A 55 -5.45 8.50 -2.50
C ARG A 55 -3.94 8.46 -2.66
N LEU A 56 -3.34 9.64 -2.73
CA LEU A 56 -1.89 9.72 -2.79
C LEU A 56 -1.30 9.22 -1.48
N GLU A 57 -0.34 8.31 -1.57
CA GLU A 57 0.29 7.70 -0.40
C GLU A 57 1.74 8.12 -0.24
N THR A 58 2.59 7.80 -1.20
CA THR A 58 4.01 8.09 -1.11
C THR A 58 4.45 8.84 -2.37
N LEU A 59 5.08 9.99 -2.18
CA LEU A 59 5.63 10.76 -3.28
C LEU A 59 7.04 10.29 -3.56
N ILE A 60 7.29 9.86 -4.80
CA ILE A 60 8.65 9.50 -5.20
C ILE A 60 9.44 10.75 -5.57
N LEU A 61 8.88 11.62 -6.41
CA LEU A 61 9.57 12.84 -6.79
C LEU A 61 8.61 13.74 -7.55
N LEU A 62 8.64 15.04 -7.25
CA LEU A 62 7.88 16.03 -8.00
C LEU A 62 8.83 17.09 -8.53
N ARG A 63 8.60 17.55 -9.75
CA ARG A 63 9.43 18.59 -10.34
C ARG A 63 8.56 19.56 -11.13
N ALA A 64 9.13 20.73 -11.40
CA ALA A 64 8.43 21.83 -12.06
C ALA A 64 9.21 22.22 -13.31
N PHE A 65 8.51 22.30 -14.43
CA PHE A 65 9.13 22.54 -15.73
C PHE A 65 8.53 23.75 -16.40
N THR A 66 9.35 24.47 -17.15
CA THR A 66 8.85 25.54 -18.00
C THR A 66 8.35 24.94 -19.32
N GLU A 67 7.88 25.82 -20.21
CA GLU A 67 7.40 25.33 -21.51
C GLU A 67 8.53 24.75 -22.34
N GLU A 68 9.74 25.29 -22.19
CA GLU A 68 10.90 24.82 -22.94
C GLU A 68 11.60 23.65 -22.26
N GLY A 69 11.06 23.14 -21.15
CA GLY A 69 11.56 21.94 -20.52
C GLY A 69 12.49 22.15 -19.34
N ALA A 70 12.89 23.40 -19.07
CA ALA A 70 13.83 23.66 -17.98
C ALA A 70 13.16 23.47 -16.62
N ILE A 71 13.94 22.99 -15.66
CA ILE A 71 13.45 22.70 -14.32
C ILE A 71 13.66 23.93 -13.44
N VAL A 72 12.66 24.23 -12.62
CA VAL A 72 12.68 25.45 -11.80
C VAL A 72 12.27 25.16 -10.37
N GLY A 73 11.79 23.95 -10.11
CA GLY A 73 11.34 23.60 -8.77
C GLY A 73 11.30 22.11 -8.58
N GLU A 74 11.31 21.69 -7.31
CA GLU A 74 11.37 20.28 -6.98
C GLU A 74 10.83 20.06 -5.57
N ILE A 75 10.12 18.95 -5.40
CA ILE A 75 9.68 18.46 -4.09
C ILE A 75 10.16 17.02 -3.96
N SER A 76 10.93 16.74 -2.92
CA SER A 76 11.55 15.43 -2.81
C SER A 76 11.71 15.01 -1.35
N PRO A 77 11.51 13.74 -1.03
CA PRO A 77 11.73 13.28 0.35
C PRO A 77 13.22 13.36 0.70
N LEU A 78 13.49 13.91 1.88
CA LEU A 78 14.88 14.09 2.29
C LEU A 78 15.54 12.74 2.51
N PRO A 79 16.84 12.61 2.20
CA PRO A 79 17.47 11.27 2.23
C PRO A 79 17.68 10.75 3.64
N SER A 80 18.08 11.60 4.58
CA SER A 80 18.42 11.14 5.93
C SER A 80 17.21 10.98 6.84
N LEU A 81 16.02 11.33 6.39
CA LEU A 81 14.84 11.36 7.22
C LEU A 81 13.83 10.30 6.80
N PRO A 82 12.93 9.89 7.71
CA PRO A 82 11.91 8.90 7.36
C PRO A 82 10.86 9.45 6.39
N GLY A 83 9.81 8.66 6.16
CA GLY A 83 8.83 8.98 5.15
C GLY A 83 7.89 10.12 5.45
N HIS A 84 6.73 10.12 4.79
CA HIS A 84 5.77 11.21 4.89
C HIS A 84 4.37 10.65 4.63
N THR A 85 3.37 11.49 4.85
CA THR A 85 1.98 11.15 4.57
C THR A 85 1.50 11.94 3.36
N GLY A 86 0.31 11.58 2.89
CA GLY A 86 -0.24 12.27 1.72
C GLY A 86 -0.51 13.74 1.99
N GLU A 87 -0.92 14.07 3.22
CA GLU A 87 -1.14 15.46 3.57
C GLU A 87 0.15 16.26 3.54
N ASP A 88 1.28 15.64 3.88
CA ASP A 88 2.57 16.31 3.75
C ASP A 88 2.83 16.68 2.30
N VAL A 89 2.52 15.77 1.37
CA VAL A 89 2.73 16.04 -0.04
C VAL A 89 1.79 17.13 -0.53
N LYS A 90 0.54 17.12 -0.07
CA LYS A 90 -0.38 18.18 -0.45
C LYS A 90 0.12 19.54 0.05
N ASN A 91 0.60 19.59 1.30
CA ASN A 91 1.16 20.83 1.84
C ASN A 91 2.37 21.28 1.03
N ALA A 92 3.22 20.34 0.65
CA ALA A 92 4.40 20.70 -0.14
C ALA A 92 4.00 21.27 -1.49
N ILE A 93 2.99 20.66 -2.14
CA ILE A 93 2.51 21.17 -3.42
C ILE A 93 1.93 22.57 -3.24
N GLY A 94 1.21 22.78 -2.14
CA GLY A 94 0.63 24.08 -1.88
C GLY A 94 1.70 25.14 -1.67
N VAL A 95 2.74 24.81 -0.90
CA VAL A 95 3.83 25.74 -0.64
C VAL A 95 4.54 26.11 -1.93
N LEU A 96 4.89 25.10 -2.74
CA LEU A 96 5.58 25.35 -4.00
C LEU A 96 4.73 26.22 -4.92
N ILE A 97 3.43 25.92 -5.03
CA ILE A 97 2.57 26.66 -5.94
C ILE A 97 2.39 28.10 -5.47
N GLY A 98 2.24 28.31 -4.16
CA GLY A 98 2.11 29.67 -3.65
C GLY A 98 3.37 30.48 -3.89
N GLY A 99 4.52 29.90 -3.54
CA GLY A 99 5.78 30.57 -3.79
C GLY A 99 6.02 30.87 -5.25
N LEU A 100 5.56 29.99 -6.14
CA LEU A 100 5.75 30.21 -7.57
C LEU A 100 4.82 31.30 -8.09
N GLU A 101 3.54 31.26 -7.68
CA GLU A 101 2.59 32.29 -8.08
C GLU A 101 2.96 33.66 -7.52
N ALA A 102 3.72 33.70 -6.42
CA ALA A 102 4.16 35.00 -5.89
C ALA A 102 5.08 35.75 -6.83
N ASN A 103 5.55 35.12 -7.91
CA ASN A 103 6.45 35.74 -8.88
C ASN A 103 5.83 35.79 -10.27
N ASP A 104 4.50 35.98 -10.32
CA ASP A 104 3.78 36.16 -11.58
C ASP A 104 3.94 34.95 -12.50
N ASN A 105 3.99 33.77 -11.90
CA ASN A 105 4.14 32.52 -12.66
C ASN A 105 2.81 31.77 -12.69
N THR A 106 2.48 31.26 -13.88
CA THR A 106 1.24 30.52 -14.08
C THR A 106 1.52 29.04 -13.87
N VAL A 107 1.20 28.54 -12.68
CA VAL A 107 1.45 27.14 -12.34
C VAL A 107 0.25 26.30 -12.76
N ARG A 108 0.52 25.18 -13.43
CA ARG A 108 -0.51 24.22 -13.79
C ARG A 108 -0.03 22.83 -13.41
N VAL A 109 -0.95 21.99 -12.96
CA VAL A 109 -0.63 20.63 -12.53
C VAL A 109 -1.14 19.65 -13.57
N THR A 110 -0.51 18.48 -13.60
CA THR A 110 -0.93 17.44 -14.53
C THR A 110 -2.27 16.85 -14.10
N GLU A 111 -2.87 16.08 -15.00
CA GLU A 111 -4.14 15.43 -14.70
C GLU A 111 -3.99 14.45 -13.56
N THR A 112 -2.93 13.63 -13.58
CA THR A 112 -2.70 12.68 -12.51
C THR A 112 -2.49 13.38 -11.17
N ILE A 113 -1.77 14.50 -11.17
CA ILE A 113 -1.63 15.29 -9.96
C ILE A 113 -2.97 15.90 -9.56
N GLN A 114 -3.72 16.40 -10.54
CA GLN A 114 -5.01 17.03 -10.25
C GLN A 114 -6.02 16.05 -9.69
N ARG A 115 -5.82 14.74 -9.90
CA ARG A 115 -6.74 13.74 -9.37
C ARG A 115 -6.62 13.62 -7.86
N PHE A 116 -5.41 13.29 -7.38
CA PHE A 116 -5.22 12.87 -5.98
C PHE A 116 -4.82 14.05 -5.09
N ALA A 117 -3.59 14.52 -5.23
CA ALA A 117 -3.07 15.63 -4.43
C ALA A 117 -2.87 16.82 -5.37
N TRP A 118 -3.72 17.83 -5.25
CA TRP A 118 -3.73 18.94 -6.18
C TRP A 118 -3.90 20.25 -5.44
N ARG A 119 -3.43 21.32 -6.07
CA ARG A 119 -3.64 22.69 -5.60
C ARG A 119 -3.85 23.57 -6.83
N ASN A 120 -3.60 24.88 -6.67
CA ASN A 120 -3.59 25.85 -7.77
C ASN A 120 -4.99 26.12 -8.33
N SER A 121 -5.20 27.34 -8.83
CA SER A 121 -6.43 27.67 -9.54
C SER A 121 -6.12 28.24 -10.92
N ASP A 122 -5.70 29.51 -10.97
CA ASP A 122 -5.44 30.15 -12.25
C ASP A 122 -4.56 31.38 -12.04
N GLU A 123 -3.75 31.70 -13.05
CA GLU A 123 -3.00 32.93 -13.11
C GLU A 123 -3.41 33.69 -14.37
N ASP A 124 -3.08 34.99 -14.41
CA ASP A 124 -3.50 35.85 -15.50
C ASP A 124 -2.82 35.49 -16.81
N GLY A 125 -1.73 36.18 -17.13
CA GLY A 125 -1.03 35.95 -18.37
C GLY A 125 -0.02 37.05 -18.68
N ARG A 126 1.23 36.83 -18.27
CA ARG A 126 2.28 37.82 -18.47
C ARG A 126 3.07 37.54 -19.75
N GLY B 1 35.55 9.03 1.45
CA GLY B 1 36.15 7.98 2.25
C GLY B 1 35.18 7.35 3.22
N SER B 2 33.98 7.94 3.32
CA SER B 2 32.95 7.42 4.21
C SER B 2 31.57 7.74 3.64
N LYS B 3 31.25 9.03 3.50
CA LYS B 3 30.00 9.42 2.87
C LYS B 3 30.00 9.03 1.39
N GLU B 4 31.10 9.30 0.70
CA GLU B 4 31.23 8.85 -0.69
C GLU B 4 31.17 7.34 -0.79
N ASP B 5 31.70 6.63 0.20
CA ASP B 5 31.61 5.17 0.19
C ASP B 5 30.17 4.71 0.27
N SER B 6 29.37 5.34 1.16
CA SER B 6 27.95 5.01 1.25
C SER B 6 27.23 5.32 -0.05
N VAL B 7 27.56 6.46 -0.67
CA VAL B 7 26.93 6.83 -1.93
C VAL B 7 27.26 5.80 -3.02
N GLU B 8 28.53 5.36 -3.08
CA GLU B 8 28.92 4.39 -4.09
C GLU B 8 28.25 3.04 -3.85
N ALA B 9 28.11 2.64 -2.58
CA ALA B 9 27.40 1.39 -2.28
C ALA B 9 25.94 1.47 -2.71
N VAL B 10 25.29 2.60 -2.43
CA VAL B 10 23.90 2.77 -2.85
C VAL B 10 23.80 2.80 -4.37
N GLY B 11 24.81 3.32 -5.05
CA GLY B 11 24.80 3.31 -6.50
C GLY B 11 24.93 1.91 -7.09
N ALA B 12 25.82 1.10 -6.53
CA ALA B 12 25.89 -0.29 -6.96
C ALA B 12 24.59 -1.03 -6.67
N GLN B 13 23.96 -0.73 -5.53
CA GLN B 13 22.66 -1.33 -5.24
C GLN B 13 21.61 -0.89 -6.26
N LEU B 14 21.68 0.36 -6.70
CA LEU B 14 20.79 0.82 -7.77
C LEU B 14 21.05 0.05 -9.06
N LYS B 15 22.32 -0.21 -9.36
CA LYS B 15 22.67 -1.09 -10.47
C LYS B 15 21.95 -2.43 -10.35
N VAL B 16 22.05 -3.06 -9.18
CA VAL B 16 21.44 -4.38 -8.99
C VAL B 16 19.92 -4.29 -9.15
N TYR B 17 19.31 -3.24 -8.61
CA TYR B 17 17.85 -3.11 -8.70
C TYR B 17 17.39 -2.89 -10.14
N HIS B 18 18.13 -2.06 -10.89
CA HIS B 18 17.79 -1.86 -12.30
C HIS B 18 17.95 -3.15 -13.09
N GLN B 19 18.96 -3.95 -12.76
CA GLN B 19 19.11 -5.26 -13.40
C GLN B 19 17.92 -6.15 -13.11
N GLN B 20 17.49 -6.22 -11.85
CA GLN B 20 16.33 -7.03 -11.51
C GLN B 20 15.09 -6.55 -12.26
N TYR B 21 14.89 -5.24 -12.33
CA TYR B 21 13.72 -4.70 -13.02
C TYR B 21 13.74 -5.07 -14.50
N GLN B 22 14.86 -4.83 -15.18
CA GLN B 22 14.95 -5.10 -16.60
C GLN B 22 15.09 -6.59 -16.93
N ASP B 23 15.27 -7.44 -15.93
CA ASP B 23 15.18 -8.88 -16.16
C ASP B 23 13.74 -9.38 -16.01
N LYS B 24 13.08 -9.00 -14.91
CA LYS B 24 11.68 -9.40 -14.74
C LYS B 24 10.79 -8.77 -15.80
N SER B 25 11.18 -7.62 -16.36
CA SER B 25 10.42 -7.03 -17.45
C SER B 25 10.52 -7.87 -18.72
N ARG B 26 11.73 -8.34 -19.05
CA ARG B 26 11.88 -9.26 -20.17
C ARG B 26 11.04 -10.51 -19.96
N GLU B 27 11.06 -11.05 -18.74
CA GLU B 27 10.27 -12.25 -18.45
C GLU B 27 8.78 -11.98 -18.66
N TYR B 28 8.29 -10.86 -18.13
CA TYR B 28 6.86 -10.54 -18.24
C TYR B 28 6.45 -10.33 -19.68
N ASP B 29 7.31 -9.68 -20.48
CA ASP B 29 6.96 -9.46 -21.87
C ASP B 29 6.96 -10.77 -22.65
N GLN B 30 7.97 -11.62 -22.42
CA GLN B 30 7.98 -12.96 -23.02
C GLN B 30 6.70 -13.71 -22.70
N LEU B 31 6.19 -13.57 -21.47
CA LEU B 31 4.97 -14.29 -21.12
C LEU B 31 3.72 -13.63 -21.71
N TYR B 32 3.71 -12.30 -21.84
CA TYR B 32 2.56 -11.61 -22.42
C TYR B 32 2.39 -11.95 -23.89
N GLU B 33 3.50 -11.99 -24.64
CA GLU B 33 3.42 -12.41 -26.04
C GLU B 33 2.82 -13.80 -26.16
N GLU B 34 3.29 -14.74 -25.33
CA GLU B 34 2.79 -16.10 -25.39
C GLU B 34 1.32 -16.17 -25.00
N TYR B 35 0.91 -15.38 -24.01
CA TYR B 35 -0.48 -15.35 -23.60
C TYR B 35 -1.38 -14.92 -24.75
N THR B 36 -1.02 -13.82 -25.42
CA THR B 36 -1.84 -13.36 -26.55
C THR B 36 -1.85 -14.37 -27.69
N ARG B 37 -0.69 -14.98 -27.97
CA ARG B 37 -0.61 -15.96 -29.05
C ARG B 37 -1.51 -17.15 -28.79
N THR B 38 -1.39 -17.77 -27.61
CA THR B 38 -2.22 -18.91 -27.28
C THR B 38 -3.68 -18.53 -27.18
N SER B 39 -3.98 -17.30 -26.77
CA SER B 39 -5.36 -16.83 -26.73
C SER B 39 -5.96 -16.81 -28.12
N GLN B 40 -5.24 -16.26 -29.10
CA GLN B 40 -5.75 -16.24 -30.46
C GLN B 40 -5.86 -17.66 -31.03
N GLU B 41 -4.92 -18.53 -30.69
CA GLU B 41 -5.00 -19.92 -31.16
C GLU B 41 -6.25 -20.61 -30.64
N LEU B 42 -6.50 -20.52 -29.32
CA LEU B 42 -7.70 -21.11 -28.76
C LEU B 42 -8.97 -20.45 -29.31
N GLN B 43 -8.90 -19.15 -29.60
CA GLN B 43 -10.03 -18.47 -30.22
C GLN B 43 -10.37 -19.09 -31.57
N MET B 44 -9.35 -19.34 -32.39
CA MET B 44 -9.58 -20.01 -33.67
C MET B 44 -10.15 -21.42 -33.46
N LYS B 45 -9.60 -22.15 -32.49
CA LYS B 45 -10.07 -23.52 -32.25
C LYS B 45 -11.53 -23.56 -31.82
N ARG B 46 -11.99 -22.52 -31.11
CA ARG B 46 -13.38 -22.49 -30.68
C ARG B 46 -14.33 -22.47 -31.88
N THR B 47 -14.09 -21.55 -32.83
CA THR B 47 -14.95 -21.49 -34.01
C THR B 47 -14.74 -22.70 -34.92
N ALA B 48 -13.55 -23.30 -34.91
CA ALA B 48 -13.34 -24.53 -35.65
C ALA B 48 -14.22 -25.64 -35.11
N ILE B 49 -14.26 -25.81 -33.78
CA ILE B 49 -15.15 -26.78 -33.15
C ILE B 49 -16.60 -26.45 -33.45
N GLU B 50 -16.94 -25.16 -33.43
CA GLU B 50 -18.28 -24.72 -33.81
C GLU B 50 -18.67 -25.28 -35.17
N ALA B 51 -17.84 -25.02 -36.18
CA ALA B 51 -18.14 -25.50 -37.53
C ALA B 51 -18.19 -27.03 -37.58
N PHE B 52 -17.30 -27.70 -36.85
CA PHE B 52 -17.26 -29.16 -36.80
C PHE B 52 -18.60 -29.74 -36.35
N ASN B 53 -19.00 -29.45 -35.11
CA ASN B 53 -20.26 -30.02 -34.65
C ASN B 53 -21.47 -29.40 -35.33
N GLU B 54 -21.33 -28.22 -35.94
CA GLU B 54 -22.43 -27.66 -36.73
C GLU B 54 -22.72 -28.52 -37.95
N THR B 55 -21.67 -28.88 -38.70
CA THR B 55 -21.85 -29.80 -39.81
C THR B 55 -22.26 -31.19 -39.33
N ILE B 56 -21.81 -31.59 -38.14
CA ILE B 56 -22.19 -32.89 -37.61
C ILE B 56 -23.69 -32.93 -37.32
N LYS B 57 -24.24 -31.87 -36.73
CA LYS B 57 -25.61 -31.89 -36.24
C LYS B 57 -26.64 -31.45 -37.28
N ILE B 58 -26.31 -30.45 -38.11
CA ILE B 58 -27.28 -29.94 -39.06
C ILE B 58 -27.57 -30.96 -40.16
N PHE B 59 -26.52 -31.51 -40.76
CA PHE B 59 -26.68 -32.47 -41.84
C PHE B 59 -27.06 -33.87 -41.36
N GLU B 60 -27.34 -34.03 -40.06
CA GLU B 60 -27.79 -35.30 -39.52
C GLU B 60 -29.30 -35.42 -39.45
N GLU B 61 -30.03 -34.32 -39.70
CA GLU B 61 -31.49 -34.30 -39.68
C GLU B 61 -32.12 -35.07 -40.85
N GLN B 62 -31.33 -35.72 -41.70
CA GLN B 62 -31.87 -36.52 -42.81
C GLN B 62 -31.68 -38.01 -42.53
N GLY B 63 -30.46 -38.52 -42.62
CA GLY B 63 -30.20 -39.93 -42.39
C GLY B 63 -30.23 -40.32 -40.93
N ILE B 100 -18.38 -41.44 -42.62
CA ILE B 100 -18.25 -40.02 -42.29
C ILE B 100 -18.21 -39.86 -40.77
N ALA B 101 -17.61 -40.85 -40.10
CA ALA B 101 -17.49 -40.86 -38.65
C ALA B 101 -16.13 -40.40 -38.15
N GLU B 102 -15.16 -40.19 -39.05
CA GLU B 102 -13.84 -39.76 -38.63
C GLU B 102 -13.81 -38.29 -38.21
N ILE B 103 -14.79 -37.49 -38.66
CA ILE B 103 -14.88 -36.11 -38.22
C ILE B 103 -15.23 -36.03 -36.74
N HIS B 104 -15.98 -37.02 -36.23
CA HIS B 104 -16.24 -37.08 -34.79
C HIS B 104 -14.95 -37.25 -34.00
N GLU B 105 -14.06 -38.14 -34.46
CA GLU B 105 -12.79 -38.31 -33.78
C GLU B 105 -11.89 -37.10 -33.95
N SER B 106 -11.96 -36.43 -35.11
CA SER B 106 -11.25 -35.17 -35.28
C SER B 106 -11.70 -34.14 -34.26
N ARG B 107 -13.01 -34.02 -34.05
CA ARG B 107 -13.53 -33.09 -33.05
C ARG B 107 -13.12 -33.50 -31.65
N THR B 108 -13.06 -34.81 -31.39
CA THR B 108 -12.58 -35.30 -30.10
C THR B 108 -11.15 -34.82 -29.83
N LYS B 109 -10.26 -35.04 -30.80
CA LYS B 109 -8.86 -34.63 -30.64
C LYS B 109 -8.74 -33.12 -30.54
N LEU B 110 -9.57 -32.38 -31.27
CA LEU B 110 -9.52 -30.92 -31.20
C LEU B 110 -9.96 -30.42 -29.83
N GLU B 111 -11.02 -31.00 -29.28
CA GLU B 111 -11.44 -30.65 -27.93
C GLU B 111 -10.34 -30.94 -26.92
N GLN B 112 -9.69 -32.11 -27.04
CA GLN B 112 -8.62 -32.45 -26.11
C GLN B 112 -7.46 -31.47 -26.22
N GLN B 113 -7.07 -31.13 -27.45
CA GLN B 113 -5.99 -30.16 -27.66
C GLN B 113 -6.33 -28.81 -27.05
N LEU B 114 -7.56 -28.33 -27.26
CA LEU B 114 -7.94 -27.03 -26.72
C LEU B 114 -7.95 -27.06 -25.20
N ARG B 115 -8.42 -28.15 -24.60
CA ARG B 115 -8.41 -28.29 -23.14
C ARG B 115 -6.99 -28.18 -22.60
N ALA B 116 -6.07 -29.00 -23.13
CA ALA B 116 -4.70 -28.97 -22.64
C ALA B 116 -4.05 -27.61 -22.86
N GLN B 117 -4.23 -27.00 -24.04
CA GLN B 117 -3.62 -25.71 -24.31
C GLN B 117 -4.23 -24.61 -23.43
N ALA B 118 -5.51 -24.73 -23.09
CA ALA B 118 -6.13 -23.78 -22.17
C ALA B 118 -5.53 -23.91 -20.78
N SER B 119 -5.28 -25.14 -20.34
CA SER B 119 -4.59 -25.33 -19.06
C SER B 119 -3.21 -24.66 -19.08
N ASP B 120 -2.46 -24.86 -20.17
CA ASP B 120 -1.14 -24.25 -20.27
C ASP B 120 -1.22 -22.72 -20.26
N ASN B 121 -2.19 -22.16 -20.99
CA ASN B 121 -2.33 -20.71 -21.05
C ASN B 121 -2.75 -20.14 -19.70
N ARG B 122 -3.60 -20.87 -18.96
CA ARG B 122 -3.97 -20.41 -17.62
C ARG B 122 -2.77 -20.47 -16.67
N GLU B 123 -1.89 -21.45 -16.84
CA GLU B 123 -0.67 -21.46 -16.04
C GLU B 123 0.22 -20.26 -16.38
N ILE B 124 0.31 -19.92 -17.67
CA ILE B 124 1.07 -18.72 -18.06
C ILE B 124 0.45 -17.47 -17.43
N ASP B 125 -0.88 -17.40 -17.40
CA ASP B 125 -1.55 -16.26 -16.79
C ASP B 125 -1.27 -16.18 -15.30
N LYS B 126 -1.31 -17.33 -14.62
CA LYS B 126 -1.00 -17.37 -13.19
C LYS B 126 0.45 -16.96 -12.93
N ARG B 127 1.37 -17.35 -13.82
CA ARG B 127 2.77 -16.99 -13.63
C ARG B 127 2.98 -15.49 -13.82
N MET B 128 2.40 -14.90 -14.86
CA MET B 128 2.61 -13.48 -15.10
C MET B 128 1.72 -12.59 -14.21
N ASN B 129 0.75 -13.17 -13.50
CA ASN B 129 -0.03 -12.37 -12.56
C ASN B 129 0.77 -12.07 -11.30
N SER B 130 1.65 -12.98 -10.88
CA SER B 130 2.44 -12.80 -9.67
C SER B 130 3.73 -12.04 -9.92
N LEU B 131 3.92 -11.50 -11.13
CA LEU B 131 5.08 -10.67 -11.43
C LEU B 131 4.76 -9.18 -11.39
N LYS B 132 3.49 -8.80 -11.61
CA LYS B 132 3.11 -7.40 -11.54
C LYS B 132 3.39 -6.76 -10.18
N PRO B 133 3.08 -7.39 -9.04
CA PRO B 133 3.46 -6.77 -7.75
C PRO B 133 4.96 -6.58 -7.63
N ASP B 134 5.74 -7.60 -7.96
CA ASP B 134 7.20 -7.50 -7.90
C ASP B 134 7.71 -6.42 -8.84
N LEU B 135 7.13 -6.32 -10.04
CA LEU B 135 7.56 -5.31 -11.01
C LEU B 135 7.27 -3.91 -10.49
N MET B 136 6.06 -3.68 -9.97
CA MET B 136 5.71 -2.36 -9.44
C MET B 136 6.62 -1.98 -8.27
N GLN B 137 6.85 -2.92 -7.35
CA GLN B 137 7.69 -2.63 -6.20
C GLN B 137 9.14 -2.36 -6.63
N LEU B 138 9.65 -3.14 -7.58
CA LEU B 138 11.01 -2.95 -8.06
C LEU B 138 11.16 -1.60 -8.74
N ARG B 139 10.18 -1.20 -9.55
CA ARG B 139 10.26 0.09 -10.22
C ARG B 139 10.23 1.23 -9.21
N LYS B 140 9.33 1.14 -8.22
CA LYS B 140 9.26 2.18 -7.20
C LYS B 140 10.56 2.26 -6.41
N ILE B 141 11.12 1.11 -6.05
CA ILE B 141 12.35 1.10 -5.25
C ILE B 141 13.52 1.64 -6.07
N ARG B 142 13.58 1.30 -7.36
CA ARG B 142 14.66 1.82 -8.20
C ARG B 142 14.56 3.33 -8.33
N ASP B 143 13.35 3.86 -8.54
CA ASP B 143 13.19 5.30 -8.63
C ASP B 143 13.55 5.98 -7.31
N GLN B 144 13.20 5.36 -6.19
CA GLN B 144 13.53 5.93 -4.89
C GLN B 144 15.04 5.95 -4.67
N TYR B 145 15.74 4.88 -5.06
CA TYR B 145 17.20 4.88 -4.96
C TYR B 145 17.81 5.93 -5.88
N LEU B 146 17.23 6.11 -7.07
CA LEU B 146 17.70 7.16 -7.98
C LEU B 146 17.57 8.53 -7.32
N VAL B 147 16.42 8.80 -6.70
CA VAL B 147 16.21 10.10 -6.07
C VAL B 147 17.14 10.29 -4.87
N TRP B 148 17.35 9.23 -4.09
CA TRP B 148 18.28 9.31 -2.97
C TRP B 148 19.68 9.66 -3.44
N LEU B 149 20.14 9.00 -4.49
CA LEU B 149 21.46 9.29 -5.04
C LEU B 149 21.53 10.70 -5.61
N THR B 150 20.43 11.15 -6.25
CA THR B 150 20.40 12.51 -6.78
C THR B 150 20.54 13.54 -5.67
N GLN B 151 19.82 13.36 -4.57
CA GLN B 151 19.90 14.30 -3.46
C GLN B 151 21.25 14.25 -2.74
N LYS B 152 21.96 13.12 -2.84
CA LYS B 152 23.28 13.00 -2.22
C LYS B 152 24.40 13.51 -3.11
N GLY B 153 24.09 14.10 -4.26
CA GLY B 153 25.08 14.69 -5.13
C GLY B 153 25.54 13.85 -6.29
N ALA B 154 24.67 13.02 -6.86
CA ALA B 154 25.02 12.23 -8.04
C ALA B 154 24.49 12.94 -9.28
N ARG B 155 25.40 13.24 -10.21
CA ARG B 155 25.02 13.91 -11.44
C ARG B 155 24.30 12.93 -12.37
N GLN B 156 23.78 13.48 -13.47
CA GLN B 156 23.06 12.66 -14.44
C GLN B 156 23.98 11.62 -15.05
N LYS B 157 25.26 11.94 -15.24
CA LYS B 157 26.21 10.98 -15.78
C LYS B 157 26.39 9.80 -14.85
N LYS B 158 26.47 10.06 -13.54
CA LYS B 158 26.60 8.96 -12.58
C LYS B 158 25.37 8.07 -12.57
N ILE B 159 24.18 8.68 -12.62
CA ILE B 159 22.95 7.90 -12.61
C ILE B 159 22.87 7.03 -13.86
N ASN B 160 23.16 7.62 -15.03
CA ASN B 160 23.18 6.85 -16.26
C ASN B 160 24.26 5.78 -16.23
N GLU B 161 25.36 6.04 -15.51
CA GLU B 161 26.41 5.04 -15.35
C GLU B 161 25.90 3.84 -14.58
N TRP B 162 25.17 4.08 -13.49
CA TRP B 162 24.56 2.99 -12.75
C TRP B 162 23.34 2.40 -13.44
N LEU B 163 22.80 3.07 -14.46
CA LEU B 163 21.63 2.60 -15.18
C LEU B 163 21.98 2.01 -16.55
N GLY B 164 23.27 1.88 -16.87
CA GLY B 164 23.66 1.42 -18.18
C GLY B 164 23.32 2.41 -19.29
N ILE B 165 23.34 3.70 -18.99
CA ILE B 165 22.98 4.75 -19.93
C ILE B 165 21.59 4.51 -20.52
N ALA C 1 -5.67 -7.57 -0.95
CA ALA C 1 -5.85 -6.23 -0.40
C ALA C 1 -4.54 -5.70 0.15
N SER C 2 -4.63 -4.66 1.00
CA SER C 2 -3.47 -4.06 1.63
C SER C 2 -3.73 -3.97 3.13
N ARG C 3 -2.77 -4.42 3.93
CA ARG C 3 -2.91 -4.43 5.37
C ARG C 3 -1.55 -4.28 6.03
N TYR C 4 -1.46 -3.39 7.02
CA TYR C 4 -0.25 -3.19 7.80
C TYR C 4 -0.36 -4.02 9.07
N LEU C 5 0.36 -5.13 9.12
CA LEU C 5 0.31 -6.06 10.22
C LEU C 5 1.39 -5.74 11.25
N THR C 6 1.06 -5.96 12.52
CA THR C 6 1.97 -5.63 13.62
C THR C 6 1.94 -6.77 14.64
N ASP C 7 3.10 -7.36 14.89
CA ASP C 7 3.23 -8.36 15.94
C ASP C 7 3.66 -7.75 17.27
N MET C 8 4.45 -6.67 17.23
CA MET C 8 4.99 -6.06 18.44
C MET C 8 4.20 -4.81 18.80
N THR C 9 4.23 -4.48 20.09
CA THR C 9 3.62 -3.26 20.59
C THR C 9 4.65 -2.12 20.60
N LEU C 10 4.21 -0.95 21.03
CA LEU C 10 5.12 0.19 21.11
C LEU C 10 6.26 -0.09 22.09
N GLU C 11 5.95 -0.75 23.21
CA GLU C 11 6.99 -1.06 24.19
C GLU C 11 8.00 -2.04 23.65
N GLU C 12 7.54 -3.09 22.97
CA GLU C 12 8.45 -4.07 22.39
C GLU C 12 9.32 -3.46 21.30
N MET C 13 8.82 -2.45 20.59
CA MET C 13 9.60 -1.81 19.55
C MET C 13 10.62 -0.83 20.14
N SER C 14 10.23 -0.10 21.17
CA SER C 14 11.09 0.91 21.78
C SER C 14 11.99 0.34 22.88
N ARG C 15 11.80 -0.92 23.25
CA ARG C 15 12.52 -1.48 24.39
C ARG C 15 14.03 -1.46 24.14
N ASP C 16 14.78 -1.18 25.20
CA ASP C 16 16.23 -1.23 25.15
C ASP C 16 16.71 -2.67 25.29
N TRP C 17 17.79 -3.01 24.58
CA TRP C 17 18.32 -4.35 24.64
C TRP C 17 19.83 -4.29 24.46
N PHE C 18 20.49 -5.38 24.84
CA PHE C 18 21.95 -5.45 24.88
C PHE C 18 22.43 -6.71 24.18
N MET C 19 23.67 -6.66 23.70
CA MET C 19 24.31 -7.80 23.03
C MET C 19 25.68 -8.02 23.66
N LEU C 20 25.83 -9.15 24.37
CA LEU C 20 27.11 -9.47 24.97
C LEU C 20 28.15 -9.83 23.91
N MET C 21 27.72 -10.50 22.84
CA MET C 21 28.57 -10.83 21.70
C MET C 21 27.83 -10.40 20.44
N PRO C 22 27.86 -9.11 20.11
CA PRO C 22 27.07 -8.60 18.98
C PRO C 22 27.64 -9.03 17.64
N LYS C 23 26.86 -9.79 16.88
CA LYS C 23 27.16 -10.12 15.50
C LYS C 23 26.18 -9.40 14.60
N GLN C 24 26.69 -8.63 13.65
CA GLN C 24 25.87 -7.78 12.81
C GLN C 24 26.19 -8.03 11.33
N LYS C 25 25.14 -8.14 10.53
CA LYS C 25 25.24 -8.17 9.08
C LYS C 25 24.41 -7.03 8.49
N VAL C 26 24.75 -6.62 7.27
CA VAL C 26 24.04 -5.55 6.58
C VAL C 26 23.69 -6.08 5.19
N ALA C 27 22.44 -6.53 5.03
CA ALA C 27 21.95 -7.03 3.76
C ALA C 27 21.23 -5.88 3.05
N GLY C 28 21.86 -5.35 2.01
CA GLY C 28 21.29 -4.20 1.33
C GLY C 28 21.26 -3.01 2.26
N SER C 29 20.05 -2.53 2.57
CA SER C 29 19.86 -1.46 3.53
C SER C 29 19.20 -1.96 4.82
N LEU C 30 19.25 -3.25 5.08
CA LEU C 30 18.67 -3.85 6.26
C LEU C 30 19.78 -4.31 7.20
N CYS C 31 19.69 -3.92 8.47
CA CYS C 31 20.67 -4.32 9.48
C CYS C 31 20.11 -5.50 10.27
N ILE C 32 20.92 -6.54 10.40
CA ILE C 32 20.57 -7.76 11.11
C ILE C 32 21.55 -7.88 12.28
N LYS C 33 21.10 -7.51 13.47
CA LYS C 33 21.89 -7.69 14.69
C LYS C 33 21.42 -8.94 15.41
N MET C 34 22.35 -9.61 16.07
CA MET C 34 21.98 -10.75 16.91
C MET C 34 23.06 -10.96 17.95
N ASP C 35 22.67 -11.56 19.08
CA ASP C 35 23.60 -11.85 20.16
C ASP C 35 24.09 -13.28 20.00
N GLN C 36 25.36 -13.44 19.68
CA GLN C 36 25.96 -14.77 19.58
C GLN C 36 26.14 -15.43 20.94
N ALA C 37 25.83 -14.74 22.03
CA ALA C 37 25.89 -15.32 23.36
C ALA C 37 24.64 -16.12 23.73
N ILE C 38 23.71 -16.28 22.79
CA ILE C 38 22.46 -17.01 23.04
C ILE C 38 22.62 -18.40 22.45
N MET C 39 22.62 -19.41 23.32
CA MET C 39 22.77 -20.81 22.90
C MET C 39 21.73 -21.66 23.61
N ASP C 40 21.18 -22.63 22.88
CA ASP C 40 20.21 -23.59 23.43
C ASP C 40 19.00 -22.87 24.02
N LYS C 41 18.47 -21.92 23.28
CA LYS C 41 17.32 -21.13 23.69
C LYS C 41 16.20 -21.25 22.66
N THR C 42 14.97 -21.04 23.14
CA THR C 42 13.80 -20.98 22.27
C THR C 42 13.48 -19.52 21.98
N ILE C 43 13.56 -19.14 20.70
CA ILE C 43 13.44 -17.75 20.29
C ILE C 43 12.31 -17.63 19.27
N ILE C 44 11.51 -16.59 19.42
CA ILE C 44 10.38 -16.31 18.53
C ILE C 44 10.61 -14.96 17.86
N LEU C 45 10.34 -14.91 16.55
CA LEU C 45 10.47 -13.69 15.78
C LEU C 45 9.13 -12.98 15.69
N LYS C 46 9.12 -11.69 15.99
CA LYS C 46 7.92 -10.86 15.87
C LYS C 46 8.22 -9.68 14.95
N ALA C 47 7.29 -9.40 14.05
CA ALA C 47 7.54 -8.40 13.01
C ALA C 47 6.33 -7.51 12.80
N ASN C 48 6.60 -6.21 12.66
CA ASN C 48 5.65 -5.25 12.13
C ASN C 48 6.07 -4.90 10.72
N PHE C 49 5.15 -5.08 9.77
CA PHE C 49 5.44 -4.94 8.34
C PHE C 49 4.14 -4.74 7.59
N SER C 50 4.25 -4.19 6.39
CA SER C 50 3.10 -3.99 5.51
C SER C 50 2.98 -5.12 4.51
N VAL C 51 1.76 -5.30 4.00
CA VAL C 51 1.45 -6.35 3.04
C VAL C 51 0.53 -5.78 1.97
N ILE C 52 0.87 -6.03 0.70
CA ILE C 52 -0.02 -5.74 -0.42
C ILE C 52 -0.05 -6.97 -1.32
N PHE C 53 -1.22 -7.24 -1.90
CA PHE C 53 -1.42 -8.39 -2.77
C PHE C 53 -1.10 -9.71 -2.04
N ASP C 54 -1.40 -9.75 -0.74
CA ASP C 54 -1.09 -10.92 0.10
C ASP C 54 0.39 -11.25 0.08
N ARG C 55 1.23 -10.24 -0.11
CA ARG C 55 2.68 -10.41 -0.17
C ARG C 55 3.35 -9.40 0.73
N LEU C 56 4.42 -9.83 1.40
CA LEU C 56 5.22 -8.91 2.21
C LEU C 56 5.82 -7.82 1.33
N GLU C 57 5.63 -6.57 1.73
CA GLU C 57 6.08 -5.43 0.95
C GLU C 57 7.18 -4.64 1.65
N THR C 58 6.96 -4.24 2.90
CA THR C 58 7.91 -3.39 3.60
C THR C 58 7.94 -3.76 5.07
N LEU C 59 9.13 -4.04 5.58
CA LEU C 59 9.32 -4.35 7.00
C LEU C 59 9.55 -3.07 7.79
N ILE C 60 8.74 -2.88 8.83
CA ILE C 60 8.95 -1.79 9.77
C ILE C 60 9.97 -2.18 10.83
N LEU C 61 9.82 -3.36 11.41
CA LEU C 61 10.77 -3.81 12.43
C LEU C 61 10.53 -5.28 12.76
N LEU C 62 11.61 -6.04 12.91
CA LEU C 62 11.52 -7.41 13.39
C LEU C 62 12.46 -7.57 14.58
N ARG C 63 12.01 -8.28 15.60
CA ARG C 63 12.82 -8.52 16.78
C ARG C 63 12.63 -9.95 17.28
N ALA C 64 13.71 -10.49 17.81
CA ALA C 64 13.74 -11.85 18.35
C ALA C 64 13.59 -11.80 19.86
N PHE C 65 12.70 -12.63 20.39
CA PHE C 65 12.38 -12.65 21.81
C PHE C 65 12.60 -14.04 22.37
N THR C 66 13.29 -14.12 23.50
CA THR C 66 13.35 -15.37 24.23
C THR C 66 11.99 -15.64 24.89
N GLU C 67 11.81 -16.87 25.36
CA GLU C 67 10.56 -17.20 26.04
C GLU C 67 10.35 -16.33 27.27
N GLU C 68 11.44 -15.87 27.91
CA GLU C 68 11.30 -14.94 29.01
C GLU C 68 10.87 -13.57 28.51
N GLY C 69 11.48 -13.09 27.44
CA GLY C 69 11.07 -11.83 26.84
C GLY C 69 12.19 -10.86 26.57
N ALA C 70 13.43 -11.36 26.53
CA ALA C 70 14.59 -10.51 26.28
C ALA C 70 14.87 -10.47 24.78
N ILE C 71 15.11 -9.26 24.27
CA ILE C 71 15.40 -9.07 22.86
C ILE C 71 16.86 -9.45 22.60
N VAL C 72 17.07 -10.46 21.75
CA VAL C 72 18.39 -10.96 21.44
C VAL C 72 18.73 -10.85 19.97
N GLY C 73 17.87 -10.24 19.16
CA GLY C 73 18.14 -10.06 17.74
C GLY C 73 17.16 -9.08 17.14
N GLU C 74 17.55 -8.50 16.01
CA GLU C 74 16.75 -7.45 15.39
C GLU C 74 17.07 -7.39 13.91
N ILE C 75 16.04 -7.17 13.10
CA ILE C 75 16.16 -6.86 11.68
C ILE C 75 15.44 -5.54 11.48
N SER C 76 16.19 -4.50 11.11
CA SER C 76 15.63 -3.16 11.06
C SER C 76 16.15 -2.42 9.83
N PRO C 77 15.32 -1.55 9.24
CA PRO C 77 15.81 -0.71 8.15
C PRO C 77 16.84 0.28 8.65
N LEU C 78 17.90 0.46 7.88
CA LEU C 78 18.96 1.38 8.27
C LEU C 78 18.50 2.82 8.03
N PRO C 79 18.63 3.70 9.03
CA PRO C 79 18.24 5.10 8.83
C PRO C 79 19.17 5.79 7.84
N SER C 80 18.62 6.85 7.22
CA SER C 80 19.36 7.68 6.28
C SER C 80 19.86 6.87 5.08
N LEU C 81 19.11 5.85 4.69
CA LEU C 81 19.42 4.99 3.55
C LEU C 81 18.13 4.61 2.87
N PRO C 82 18.16 4.39 1.56
CA PRO C 82 16.92 4.09 0.82
C PRO C 82 16.28 2.79 1.28
N GLY C 83 15.08 2.55 0.75
CA GLY C 83 14.25 1.44 1.19
C GLY C 83 14.71 0.06 0.75
N HIS C 84 13.76 -0.86 0.63
CA HIS C 84 14.05 -2.25 0.31
C HIS C 84 12.83 -2.87 -0.36
N THR C 85 12.99 -4.13 -0.77
CA THR C 85 11.92 -4.90 -1.37
C THR C 85 11.58 -6.10 -0.50
N GLY C 86 10.52 -6.81 -0.87
CA GLY C 86 10.09 -7.96 -0.07
C GLY C 86 11.11 -9.07 -0.05
N GLU C 87 11.80 -9.28 -1.18
CA GLU C 87 12.83 -10.32 -1.23
C GLU C 87 14.00 -10.02 -0.31
N ASP C 88 14.32 -8.74 -0.13
CA ASP C 88 15.40 -8.37 0.80
C ASP C 88 15.06 -8.79 2.22
N VAL C 89 13.83 -8.51 2.66
CA VAL C 89 13.41 -8.92 4.00
C VAL C 89 13.34 -10.44 4.09
N LYS C 90 12.86 -11.08 3.02
CA LYS C 90 12.77 -12.54 2.99
C LYS C 90 14.14 -13.18 3.16
N ASN C 91 15.18 -12.56 2.61
CA ASN C 91 16.53 -13.09 2.77
C ASN C 91 17.11 -12.74 4.14
N ALA C 92 16.84 -11.54 4.64
CA ALA C 92 17.39 -11.14 5.93
C ALA C 92 16.84 -11.99 7.06
N ILE C 93 15.56 -12.36 6.97
CA ILE C 93 14.96 -13.22 7.99
C ILE C 93 15.66 -14.57 8.01
N GLY C 94 15.94 -15.14 6.84
CA GLY C 94 16.66 -16.40 6.79
C GLY C 94 18.08 -16.27 7.31
N VAL C 95 18.71 -15.13 7.05
CA VAL C 95 20.05 -14.88 7.58
C VAL C 95 20.02 -14.92 9.11
N LEU C 96 19.09 -14.19 9.71
CA LEU C 96 18.97 -14.18 11.17
C LEU C 96 18.65 -15.57 11.70
N ILE C 97 17.77 -16.30 11.01
CA ILE C 97 17.38 -17.62 11.47
C ILE C 97 18.57 -18.57 11.46
N GLY C 98 19.37 -18.53 10.39
CA GLY C 98 20.55 -19.37 10.33
C GLY C 98 21.57 -19.00 11.40
N GLY C 99 21.74 -17.70 11.62
CA GLY C 99 22.66 -17.26 12.67
C GLY C 99 22.24 -17.75 14.04
N LEU C 100 20.93 -17.78 14.29
CA LEU C 100 20.45 -18.30 15.57
C LEU C 100 20.57 -19.81 15.64
N GLU C 101 20.35 -20.50 14.52
CA GLU C 101 20.41 -21.96 14.52
C GLU C 101 21.84 -22.46 14.71
N ALA C 102 22.83 -21.73 14.20
CA ALA C 102 24.22 -22.14 14.39
C ALA C 102 24.57 -22.26 15.87
N ASN C 103 23.94 -21.44 16.72
CA ASN C 103 24.14 -21.50 18.16
C ASN C 103 23.20 -22.48 18.85
N ASP C 104 22.72 -23.49 18.12
CA ASP C 104 21.85 -24.53 18.67
C ASP C 104 20.56 -23.98 19.25
N ASN C 105 20.07 -22.88 18.69
CA ASN C 105 18.80 -22.28 19.10
C ASN C 105 17.72 -22.65 18.10
N THR C 106 16.59 -23.13 18.60
CA THR C 106 15.42 -23.41 17.78
C THR C 106 14.61 -22.13 17.60
N VAL C 107 14.29 -21.79 16.36
CA VAL C 107 13.65 -20.53 16.02
C VAL C 107 12.24 -20.81 15.51
N ARG C 108 11.27 -20.12 16.08
CA ARG C 108 9.90 -20.14 15.59
C ARG C 108 9.46 -18.73 15.24
N VAL C 109 8.52 -18.62 14.31
CA VAL C 109 8.00 -17.33 13.88
C VAL C 109 6.51 -17.28 14.18
N THR C 110 6.00 -16.05 14.28
CA THR C 110 4.57 -15.86 14.55
C THR C 110 3.74 -16.34 13.36
N GLU C 111 2.45 -16.52 13.62
CA GLU C 111 1.52 -16.89 12.55
C GLU C 111 1.50 -15.83 11.45
N THR C 112 1.78 -14.57 11.80
CA THR C 112 1.81 -13.52 10.80
C THR C 112 3.01 -13.66 9.87
N ILE C 113 4.17 -13.99 10.42
CA ILE C 113 5.39 -14.11 9.62
C ILE C 113 5.32 -15.35 8.73
N GLN C 114 4.73 -16.43 9.24
CA GLN C 114 4.68 -17.69 8.49
C GLN C 114 3.78 -17.60 7.28
N ARG C 115 2.86 -16.64 7.23
CA ARG C 115 1.97 -16.48 6.09
C ARG C 115 2.57 -15.60 5.00
N PHE C 116 3.45 -14.66 5.35
CA PHE C 116 3.97 -13.73 4.36
C PHE C 116 5.49 -13.69 4.27
N ALA C 117 6.21 -14.47 5.05
CA ALA C 117 7.67 -14.37 5.06
C ALA C 117 8.31 -15.74 5.13
N TRP C 118 7.61 -16.66 5.79
CA TRP C 118 8.02 -18.06 5.93
C TRP C 118 9.37 -18.11 6.67
N ARG C 119 10.18 -19.12 6.38
CA ARG C 119 11.45 -19.33 7.04
C ARG C 119 12.47 -18.24 6.68
N GLY D 1 23.41 20.03 18.36
CA GLY D 1 24.09 20.73 17.28
C GLY D 1 23.96 20.04 15.93
N SER D 2 23.09 20.60 15.09
CA SER D 2 22.85 20.08 13.73
C SER D 2 22.40 18.63 13.75
N LYS D 3 23.33 17.71 13.99
CA LYS D 3 22.99 16.29 13.98
C LYS D 3 22.10 15.92 15.16
N GLU D 4 22.26 16.61 16.30
CA GLU D 4 21.36 16.38 17.43
C GLU D 4 20.05 17.14 17.25
N ASP D 5 20.12 18.34 16.67
CA ASP D 5 18.91 19.10 16.40
C ASP D 5 17.99 18.35 15.44
N SER D 6 18.57 17.67 14.45
CA SER D 6 17.75 16.92 13.51
C SER D 6 17.07 15.73 14.18
N VAL D 7 17.78 15.05 15.09
CA VAL D 7 17.18 13.94 15.81
C VAL D 7 16.03 14.44 16.69
N GLU D 8 16.24 15.57 17.37
CA GLU D 8 15.18 16.14 18.19
C GLU D 8 13.98 16.56 17.35
N ALA D 9 14.24 17.09 16.14
CA ALA D 9 13.15 17.48 15.26
C ALA D 9 12.37 16.27 14.77
N VAL D 10 13.07 15.19 14.44
CA VAL D 10 12.37 13.96 14.05
C VAL D 10 11.57 13.41 15.21
N GLY D 11 12.07 13.57 16.44
CA GLY D 11 11.28 13.18 17.60
C GLY D 11 10.02 14.00 17.75
N ALA D 12 10.13 15.32 17.52
CA ALA D 12 8.95 16.17 17.56
C ALA D 12 7.94 15.77 16.50
N GLN D 13 8.42 15.44 15.30
CA GLN D 13 7.51 15.00 14.24
C GLN D 13 6.87 13.65 14.58
N LEU D 14 7.61 12.78 15.28
CA LEU D 14 7.01 11.54 15.78
C LEU D 14 5.91 11.84 16.78
N LYS D 15 6.13 12.81 17.66
CA LYS D 15 5.09 13.23 18.59
C LYS D 15 3.85 13.70 17.84
N VAL D 16 4.04 14.50 16.80
CA VAL D 16 2.92 15.00 15.99
C VAL D 16 2.16 13.84 15.36
N TYR D 17 2.90 12.93 14.71
CA TYR D 17 2.26 11.79 14.05
C TYR D 17 1.51 10.92 15.06
N HIS D 18 2.08 10.72 16.24
CA HIS D 18 1.44 9.88 17.25
C HIS D 18 0.17 10.52 17.77
N GLN D 19 0.19 11.83 17.99
CA GLN D 19 -1.03 12.50 18.44
C GLN D 19 -2.10 12.49 17.36
N GLN D 20 -1.69 12.64 16.09
CA GLN D 20 -2.65 12.53 14.99
C GLN D 20 -3.28 11.14 14.93
N TYR D 21 -2.45 10.10 15.09
CA TYR D 21 -2.99 8.73 15.09
C TYR D 21 -3.92 8.51 16.27
N GLN D 22 -3.57 9.06 17.44
CA GLN D 22 -4.45 8.95 18.60
C GLN D 22 -5.81 9.58 18.33
N ASP D 23 -5.81 10.78 17.74
CA ASP D 23 -7.08 11.45 17.43
C ASP D 23 -7.90 10.66 16.42
N LYS D 24 -7.25 10.20 15.35
CA LYS D 24 -7.95 9.46 14.31
C LYS D 24 -8.55 8.17 14.86
N SER D 25 -7.79 7.45 15.68
CA SER D 25 -8.29 6.20 16.25
C SER D 25 -9.39 6.45 17.28
N ARG D 26 -9.32 7.57 18.01
CA ARG D 26 -10.41 7.94 18.92
C ARG D 26 -11.71 8.15 18.14
N GLU D 27 -11.63 8.90 17.05
CA GLU D 27 -12.80 9.10 16.19
C GLU D 27 -13.32 7.76 15.65
N TYR D 28 -12.41 6.90 15.21
CA TYR D 28 -12.82 5.60 14.68
C TYR D 28 -13.50 4.75 15.75
N ASP D 29 -13.01 4.80 16.98
CA ASP D 29 -13.62 4.04 18.07
C ASP D 29 -15.04 4.54 18.34
N GLN D 30 -15.22 5.86 18.36
CA GLN D 30 -16.56 6.43 18.47
C GLN D 30 -17.49 5.85 17.40
N LEU D 31 -17.06 5.92 16.14
CA LEU D 31 -17.91 5.47 15.05
C LEU D 31 -18.19 3.97 15.13
N TYR D 32 -17.20 3.18 15.57
CA TYR D 32 -17.39 1.74 15.64
C TYR D 32 -18.39 1.36 16.73
N GLU D 33 -18.30 2.02 17.89
CA GLU D 33 -19.29 1.77 18.94
C GLU D 33 -20.69 2.14 18.48
N GLU D 34 -20.82 3.29 17.80
CA GLU D 34 -22.11 3.66 17.24
C GLU D 34 -22.63 2.62 16.25
N TYR D 35 -21.74 2.09 15.41
CA TYR D 35 -22.13 1.09 14.43
C TYR D 35 -22.65 -0.18 15.09
N THR D 36 -21.93 -0.66 16.11
CA THR D 36 -22.37 -1.87 16.80
C THR D 36 -23.72 -1.65 17.48
N ARG D 37 -23.91 -0.48 18.10
CA ARG D 37 -25.18 -0.18 18.74
C ARG D 37 -26.33 -0.21 17.74
N THR D 38 -26.17 0.49 16.61
CA THR D 38 -27.24 0.53 15.62
C THR D 38 -27.47 -0.83 14.98
N SER D 39 -26.42 -1.66 14.86
CA SER D 39 -26.61 -3.01 14.33
C SER D 39 -27.44 -3.87 15.28
N GLN D 40 -27.17 -3.77 16.59
CA GLN D 40 -28.00 -4.47 17.56
C GLN D 40 -29.46 -4.00 17.49
N GLU D 41 -29.66 -2.69 17.35
CA GLU D 41 -31.03 -2.18 17.23
C GLU D 41 -31.71 -2.70 15.96
N LEU D 42 -30.96 -2.76 14.85
CA LEU D 42 -31.53 -3.29 13.61
C LEU D 42 -31.93 -4.76 13.77
N GLN D 43 -31.11 -5.54 14.48
CA GLN D 43 -31.47 -6.94 14.71
C GLN D 43 -32.74 -7.05 15.56
N MET D 44 -32.85 -6.21 16.59
CA MET D 44 -34.07 -6.19 17.39
C MET D 44 -35.30 -5.89 16.54
N LYS D 45 -35.21 -4.86 15.70
CA LYS D 45 -36.35 -4.48 14.87
C LYS D 45 -36.68 -5.56 13.85
N ARG D 46 -35.65 -6.24 13.34
CA ARG D 46 -35.89 -7.36 12.43
C ARG D 46 -36.66 -8.47 13.13
N THR D 47 -36.27 -8.82 14.35
CA THR D 47 -36.99 -9.86 15.08
C THR D 47 -38.44 -9.45 15.34
N ALA D 48 -38.66 -8.18 15.73
CA ALA D 48 -40.02 -7.71 15.98
C ALA D 48 -40.88 -7.83 14.73
N ILE D 49 -40.42 -7.28 13.61
CA ILE D 49 -41.21 -7.36 12.39
C ILE D 49 -41.36 -8.80 11.91
N GLU D 50 -40.41 -9.69 12.25
CA GLU D 50 -40.58 -11.10 11.87
C GLU D 50 -41.71 -11.76 12.66
N ALA D 51 -41.81 -11.42 13.95
CA ALA D 51 -42.97 -11.86 14.72
C ALA D 51 -44.26 -11.33 14.12
N PHE D 52 -44.25 -10.07 13.69
CA PHE D 52 -45.41 -9.51 12.99
C PHE D 52 -45.74 -10.33 11.74
N ASN D 53 -44.72 -10.71 10.98
CA ASN D 53 -44.94 -11.49 9.76
C ASN D 53 -45.58 -12.83 10.08
N GLU D 54 -45.13 -13.47 11.16
CA GLU D 54 -45.72 -14.75 11.57
C GLU D 54 -47.20 -14.59 11.90
N THR D 55 -47.53 -13.57 12.69
CA THR D 55 -48.92 -13.33 13.05
C THR D 55 -49.77 -13.07 11.80
N ILE D 56 -49.25 -12.28 10.86
CA ILE D 56 -50.04 -11.97 9.67
C ILE D 56 -50.10 -13.16 8.70
N LYS D 57 -49.15 -14.09 8.78
CA LYS D 57 -49.30 -15.34 8.04
C LYS D 57 -50.46 -16.16 8.61
N ILE D 58 -50.54 -16.22 9.95
CA ILE D 58 -51.73 -16.80 10.58
C ILE D 58 -52.98 -16.10 10.07
N PHE D 59 -52.91 -14.78 9.91
CA PHE D 59 -54.06 -14.02 9.43
C PHE D 59 -54.44 -14.44 8.01
N GLU D 60 -53.46 -14.63 7.14
CA GLU D 60 -53.75 -15.10 5.78
C GLU D 60 -54.45 -16.45 5.81
N GLU D 61 -53.88 -17.40 6.56
CA GLU D 61 -54.46 -18.73 6.61
C GLU D 61 -55.86 -18.72 7.20
N GLN D 62 -56.15 -17.79 8.12
CA GLN D 62 -57.46 -17.71 8.73
C GLN D 62 -58.44 -16.85 7.93
N GLY D 63 -57.95 -16.05 7.00
CA GLY D 63 -58.81 -15.27 6.14
C GLY D 63 -59.24 -16.06 4.93
N GLN D 64 -58.41 -17.02 4.51
CA GLN D 64 -58.82 -17.89 3.41
C GLN D 64 -59.78 -18.99 3.84
N THR D 65 -59.97 -19.20 5.12
CA THR D 65 -60.91 -20.21 5.62
C THR D 65 -62.33 -19.66 5.78
N GLN D 66 -62.57 -18.41 5.38
CA GLN D 66 -63.91 -17.84 5.46
C GLN D 66 -64.69 -18.00 4.16
N GLU D 67 -64.01 -17.87 3.02
CA GLU D 67 -64.67 -18.02 1.73
C GLU D 67 -64.66 -19.48 1.27
N ILE D 89 -70.91 -12.60 8.00
CA ILE D 89 -70.87 -11.17 7.70
C ILE D 89 -71.29 -10.38 8.95
N LEU D 90 -72.28 -9.51 8.78
CA LEU D 90 -72.79 -8.68 9.87
C LEU D 90 -71.68 -7.88 10.54
N LEU D 91 -71.29 -8.29 11.76
CA LEU D 91 -70.22 -7.58 12.44
C LEU D 91 -69.40 -8.49 13.36
N ASN D 92 -69.61 -9.81 13.34
CA ASN D 92 -68.78 -10.70 14.16
C ASN D 92 -67.34 -10.68 13.70
N SER D 93 -67.11 -10.55 12.39
CA SER D 93 -65.76 -10.50 11.85
C SER D 93 -65.33 -9.10 11.41
N GLU D 94 -66.30 -8.27 10.99
CA GLU D 94 -65.98 -6.92 10.52
C GLU D 94 -65.37 -6.05 11.61
N ARG D 95 -65.62 -6.36 12.89
CA ARG D 95 -65.06 -5.56 13.98
C ARG D 95 -63.57 -5.81 14.15
N LEU D 96 -63.09 -6.99 13.75
CA LEU D 96 -61.66 -7.29 13.84
C LEU D 96 -60.89 -6.73 12.66
N LYS D 97 -61.45 -6.88 11.46
CA LYS D 97 -60.80 -6.47 10.21
C LYS D 97 -60.78 -4.96 10.10
N SER D 98 -60.08 -4.31 11.03
CA SER D 98 -59.92 -2.87 11.06
C SER D 98 -58.77 -2.55 12.02
N ARG D 99 -58.91 -3.00 13.27
CA ARG D 99 -57.76 -3.00 14.17
C ARG D 99 -56.65 -3.90 13.63
N ILE D 100 -57.00 -5.00 12.95
CA ILE D 100 -55.94 -5.82 12.38
C ILE D 100 -55.30 -5.13 11.17
N ALA D 101 -56.05 -4.33 10.42
CA ALA D 101 -55.43 -3.51 9.40
C ALA D 101 -54.53 -2.45 10.02
N GLU D 102 -54.92 -1.94 11.19
CA GLU D 102 -54.03 -1.06 11.95
C GLU D 102 -52.74 -1.79 12.31
N ILE D 103 -52.83 -3.07 12.66
CA ILE D 103 -51.62 -3.83 12.98
C ILE D 103 -50.75 -3.99 11.73
N HIS D 104 -51.37 -4.20 10.56
CA HIS D 104 -50.63 -4.24 9.31
C HIS D 104 -49.88 -2.93 9.07
N GLU D 105 -50.60 -1.81 9.23
CA GLU D 105 -50.00 -0.49 9.04
C GLU D 105 -48.85 -0.26 10.02
N SER D 106 -49.02 -0.72 11.26
CA SER D 106 -47.96 -0.57 12.25
C SER D 106 -46.73 -1.40 11.89
N ARG D 107 -46.94 -2.60 11.35
CA ARG D 107 -45.82 -3.41 10.87
C ARG D 107 -45.06 -2.68 9.77
N THR D 108 -45.79 -2.14 8.78
CA THR D 108 -45.10 -1.47 7.68
C THR D 108 -44.44 -0.17 8.13
N LYS D 109 -44.99 0.49 9.15
CA LYS D 109 -44.35 1.68 9.70
C LYS D 109 -43.07 1.32 10.46
N LEU D 110 -43.12 0.25 11.24
CA LEU D 110 -41.91 -0.27 11.88
C LEU D 110 -40.83 -0.56 10.85
N GLU D 111 -41.21 -1.12 9.70
CA GLU D 111 -40.17 -1.36 8.68
C GLU D 111 -39.71 -0.06 8.02
N GLN D 112 -40.60 0.93 7.88
CA GLN D 112 -40.18 2.24 7.41
C GLN D 112 -39.13 2.85 8.34
N GLN D 113 -39.24 2.57 9.64
CA GLN D 113 -38.18 2.98 10.55
C GLN D 113 -36.94 2.11 10.42
N LEU D 114 -37.12 0.81 10.20
CA LEU D 114 -36.00 -0.12 10.11
C LEU D 114 -35.07 0.25 8.96
N ARG D 115 -35.63 0.44 7.77
CA ARG D 115 -34.79 0.79 6.61
C ARG D 115 -34.18 2.18 6.76
N ALA D 116 -34.91 3.11 7.38
CA ALA D 116 -34.36 4.43 7.63
C ALA D 116 -33.14 4.35 8.54
N GLN D 117 -33.17 3.46 9.53
CA GLN D 117 -31.99 3.26 10.36
C GLN D 117 -30.88 2.53 9.63
N ALA D 118 -31.24 1.59 8.75
CA ALA D 118 -30.22 0.89 7.96
C ALA D 118 -29.44 1.84 7.07
N SER D 119 -30.12 2.88 6.55
CA SER D 119 -29.42 3.89 5.76
C SER D 119 -28.36 4.61 6.58
N ASP D 120 -28.71 5.02 7.80
CA ASP D 120 -27.75 5.71 8.66
C ASP D 120 -26.60 4.79 9.05
N ASN D 121 -26.91 3.51 9.26
CA ASN D 121 -25.86 2.54 9.57
C ASN D 121 -24.89 2.41 8.40
N ARG D 122 -25.41 2.40 7.17
CA ARG D 122 -24.55 2.34 6.00
C ARG D 122 -23.69 3.59 5.88
N GLU D 123 -24.24 4.75 6.24
CA GLU D 123 -23.45 5.97 6.21
C GLU D 123 -22.34 5.95 7.26
N ILE D 124 -22.62 5.37 8.43
CA ILE D 124 -21.58 5.21 9.45
C ILE D 124 -20.47 4.29 8.95
N ASP D 125 -20.85 3.18 8.31
CA ASP D 125 -19.86 2.30 7.71
C ASP D 125 -19.02 3.03 6.67
N LYS D 126 -19.68 3.87 5.85
CA LYS D 126 -18.98 4.69 4.87
C LYS D 126 -17.94 5.57 5.54
N ARG D 127 -18.33 6.24 6.64
CA ARG D 127 -17.41 7.12 7.34
C ARG D 127 -16.23 6.36 7.96
N MET D 128 -16.48 5.13 8.42
CA MET D 128 -15.39 4.34 9.01
C MET D 128 -14.40 3.86 7.96
N ASN D 129 -14.93 3.37 6.83
CA ASN D 129 -14.05 2.93 5.74
C ASN D 129 -13.32 4.09 5.09
N SER D 130 -13.87 5.31 5.19
CA SER D 130 -13.12 6.48 4.76
C SER D 130 -11.99 6.84 5.72
N LEU D 131 -12.00 6.31 6.94
CA LEU D 131 -10.94 6.55 7.91
C LEU D 131 -9.85 5.49 7.88
N LYS D 132 -10.22 4.24 7.59
CA LYS D 132 -9.24 3.16 7.60
C LYS D 132 -7.94 3.46 6.85
N PRO D 133 -7.95 4.03 5.63
CA PRO D 133 -6.67 4.30 4.94
C PRO D 133 -5.74 5.24 5.70
N ASP D 134 -6.25 6.41 6.11
CA ASP D 134 -5.42 7.36 6.85
C ASP D 134 -4.98 6.77 8.18
N LEU D 135 -5.84 5.97 8.82
CA LEU D 135 -5.49 5.33 10.07
C LEU D 135 -4.29 4.41 9.89
N MET D 136 -4.34 3.52 8.89
CA MET D 136 -3.24 2.61 8.64
C MET D 136 -1.97 3.36 8.25
N GLN D 137 -2.11 4.40 7.42
CA GLN D 137 -0.93 5.16 7.01
C GLN D 137 -0.27 5.85 8.19
N LEU D 138 -1.07 6.47 9.07
CA LEU D 138 -0.52 7.13 10.24
C LEU D 138 0.15 6.15 11.18
N ARG D 139 -0.47 4.99 11.40
CA ARG D 139 0.13 3.99 12.28
C ARG D 139 1.48 3.52 11.72
N LYS D 140 1.53 3.23 10.42
CA LYS D 140 2.77 2.76 9.82
C LYS D 140 3.85 3.82 9.88
N ILE D 141 3.51 5.08 9.58
CA ILE D 141 4.55 6.11 9.58
C ILE D 141 4.99 6.43 11.00
N ARG D 142 4.09 6.30 11.98
CA ARG D 142 4.48 6.48 13.38
C ARG D 142 5.49 5.41 13.79
N ASP D 143 5.18 4.15 13.46
CA ASP D 143 6.11 3.07 13.78
C ASP D 143 7.44 3.26 13.05
N GLN D 144 7.41 3.77 11.82
CA GLN D 144 8.64 3.97 11.07
C GLN D 144 9.50 5.07 11.69
N TYR D 145 8.88 6.18 12.10
CA TYR D 145 9.64 7.23 12.78
C TYR D 145 10.20 6.72 14.11
N LEU D 146 9.42 5.90 14.82
CA LEU D 146 9.92 5.32 16.07
C LEU D 146 11.15 4.44 15.80
N VAL D 147 11.08 3.61 14.76
CA VAL D 147 12.21 2.74 14.43
C VAL D 147 13.43 3.56 14.03
N TRP D 148 13.21 4.63 13.26
CA TRP D 148 14.32 5.51 12.88
C TRP D 148 15.00 6.10 14.11
N LEU D 149 14.21 6.68 15.02
CA LEU D 149 14.78 7.26 16.22
C LEU D 149 15.49 6.22 17.07
N THR D 150 14.93 5.02 17.15
CA THR D 150 15.58 3.94 17.89
C THR D 150 16.92 3.58 17.26
N GLN D 151 16.99 3.59 15.93
CA GLN D 151 18.25 3.32 15.24
C GLN D 151 19.25 4.46 15.39
N LYS D 152 18.79 5.67 15.65
CA LYS D 152 19.69 6.79 15.90
C LYS D 152 20.14 6.90 17.35
N GLY D 153 19.88 5.87 18.15
CA GLY D 153 20.35 5.85 19.52
C GLY D 153 19.43 6.45 20.55
N ALA D 154 18.15 6.67 20.21
CA ALA D 154 17.20 7.20 21.18
C ALA D 154 16.72 6.07 22.08
N ARG D 155 16.95 6.22 23.39
CA ARG D 155 16.56 5.19 24.34
C ARG D 155 15.03 5.16 24.49
N GLN D 156 14.55 4.14 25.21
CA GLN D 156 13.11 3.99 25.40
C GLN D 156 12.52 5.15 26.17
N LYS D 157 13.30 5.77 27.06
CA LYS D 157 12.76 6.88 27.84
C LYS D 157 12.47 8.09 26.95
N LYS D 158 13.38 8.40 26.02
CA LYS D 158 13.13 9.49 25.09
C LYS D 158 11.97 9.18 24.14
N ILE D 159 11.88 7.91 23.70
CA ILE D 159 10.78 7.51 22.83
C ILE D 159 9.45 7.69 23.56
N ASN D 160 9.38 7.27 24.82
CA ASN D 160 8.15 7.45 25.59
C ASN D 160 7.87 8.92 25.88
N GLU D 161 8.92 9.73 26.05
CA GLU D 161 8.73 11.17 26.16
C GLU D 161 8.03 11.71 24.92
N TRP D 162 8.52 11.33 23.73
CA TRP D 162 7.92 11.81 22.49
C TRP D 162 6.49 11.27 22.34
N LEU D 163 6.25 10.02 22.72
CA LEU D 163 4.91 9.47 22.59
C LEU D 163 3.94 10.12 23.58
N GLY D 164 4.36 10.29 24.82
CA GLY D 164 3.51 10.90 25.83
C GLY D 164 3.39 10.06 27.07
N ILE D 165 3.36 8.73 26.92
CA ILE D 165 3.26 7.82 28.04
C ILE D 165 3.90 6.49 27.67
#